data_4AFB
#
_entry.id   4AFB
#
_cell.length_a   75.740
_cell.length_b   103.530
_cell.length_c   70.480
_cell.angle_alpha   90.00
_cell.angle_beta   90.00
_cell.angle_gamma   90.00
#
_symmetry.space_group_name_H-M   'C 2 2 21'
#
loop_
_entity.id
_entity.type
_entity.pdbx_description
1 polymer EPA1P
2 non-polymer 'CALCIUM ION'
3 non-polymer GLYCEROL
4 water water
#
_entity_poly.entity_id   1
_entity_poly.type   'polypeptide(L)'
_entity_poly.pdbx_seq_one_letter_code
;MGSSHHHHHHSSGLVPRGSHMTSSNDISLASKDPTTFPLGCSPDITTPKKGLSMELYSYDFRKKGSYPCWDAAYLDPNYP
RTGYKSHRLLAKVDGVTGNINFYYHATKGCTPQLGHLPASYNYPKPLTMTNFTMLLYGYFRPKVTGFHTFTISADDLLFV
NFGAGNAFDCCRRDSSADHFGNYQAYAIWGSKTAKDELTVHLDAGVYYPIRLFYNNIGKDGALSFTFKTESNENTVSDFS
EYFFSLDDTEEGCPGLISYDSS
;
_entity_poly.pdbx_strand_id   A
#
loop_
_chem_comp.id
_chem_comp.type
_chem_comp.name
_chem_comp.formula
CA non-polymer 'CALCIUM ION' 'Ca 2'
GOL non-polymer GLYCEROL 'C3 H8 O3'
#
# COMPACT_ATOMS: atom_id res chain seq x y z
N SER A 31 16.99 1.13 12.49
CA SER A 31 15.79 1.94 12.57
C SER A 31 14.96 1.78 11.29
N LYS A 32 15.59 1.38 10.20
CA LYS A 32 14.86 1.12 8.96
C LYS A 32 14.51 -0.37 8.79
N ASP A 33 15.03 -1.23 9.67
CA ASP A 33 14.79 -2.67 9.56
C ASP A 33 13.40 -3.09 10.03
N PRO A 34 12.85 -4.16 9.44
CA PRO A 34 11.55 -4.64 9.91
C PRO A 34 11.66 -5.22 11.32
N THR A 35 10.60 -5.04 12.13
CA THR A 35 10.59 -5.47 13.53
C THR A 35 9.18 -5.83 14.04
N THR A 36 9.12 -6.65 15.09
CA THR A 36 7.86 -7.02 15.74
C THR A 36 7.35 -5.93 16.69
N PHE A 37 8.22 -4.99 17.06
CA PHE A 37 7.85 -3.84 17.89
C PHE A 37 8.20 -2.53 17.18
N PRO A 38 7.45 -2.20 16.13
CA PRO A 38 7.69 -0.98 15.36
C PRO A 38 7.52 0.30 16.16
N LEU A 39 8.24 1.33 15.74
CA LEU A 39 8.13 2.66 16.30
C LEU A 39 6.96 3.43 15.69
N GLY A 40 6.24 4.17 16.52
CA GLY A 40 5.11 4.99 16.06
C GLY A 40 5.33 6.48 16.31
N CYS A 41 4.28 7.27 16.09
CA CYS A 41 4.38 8.73 16.07
C CYS A 41 3.28 9.36 16.91
N SER A 42 3.54 10.55 17.43
CA SER A 42 2.57 11.29 18.22
C SER A 42 2.33 12.70 17.65
N PRO A 43 1.36 12.85 16.74
CA PRO A 43 1.01 14.18 16.21
C PRO A 43 0.56 15.16 17.30
N ASP A 44 0.85 16.44 17.08
CA ASP A 44 0.55 17.49 18.06
C ASP A 44 -0.88 17.97 17.80
N ILE A 45 -1.11 19.29 17.85
CA ILE A 45 -2.50 19.80 17.88
C ILE A 45 -3.30 19.55 16.59
N THR A 46 -2.63 19.52 15.44
CA THR A 46 -3.30 19.38 14.15
C THR A 46 -4.03 18.05 13.97
N THR A 47 -5.34 18.14 13.73
CA THR A 47 -6.22 16.97 13.61
C THR A 47 -5.91 16.10 12.39
N PRO A 48 -5.65 14.80 12.60
CA PRO A 48 -5.36 13.91 11.44
C PRO A 48 -6.49 13.94 10.41
N LYS A 49 -6.18 13.77 9.12
CA LYS A 49 -7.20 13.69 8.08
C LYS A 49 -7.54 12.23 7.76
N LYS A 50 -8.82 11.92 7.55
CA LYS A 50 -9.21 10.54 7.21
C LYS A 50 -8.54 10.04 5.91
N GLY A 51 -8.04 8.81 5.96
CA GLY A 51 -7.59 8.11 4.76
C GLY A 51 -6.10 8.24 4.43
N LEU A 52 -5.67 7.41 3.48
CA LEU A 52 -4.30 7.47 2.95
C LEU A 52 -4.24 8.36 1.71
N SER A 53 -3.03 8.68 1.26
CA SER A 53 -2.87 9.25 -0.09
C SER A 53 -2.56 8.13 -1.07
N MET A 54 -2.98 8.32 -2.33
N MET A 54 -2.93 8.33 -2.34
CA MET A 54 -2.71 7.39 -3.43
CA MET A 54 -2.66 7.37 -3.40
C MET A 54 -2.09 8.10 -4.64
C MET A 54 -2.16 8.04 -4.68
N GLU A 55 -1.17 7.40 -5.32
CA GLU A 55 -0.65 7.84 -6.61
C GLU A 55 -0.79 6.66 -7.57
N LEU A 56 -1.29 6.93 -8.79
CA LEU A 56 -1.52 5.91 -9.81
C LEU A 56 -0.66 6.16 -11.03
N TYR A 57 -0.06 5.09 -11.56
CA TYR A 57 0.83 5.19 -12.72
C TYR A 57 0.52 4.13 -13.78
N SER A 58 0.84 4.45 -15.04
CA SER A 58 0.71 3.47 -16.13
CA SER A 58 0.75 3.49 -16.16
C SER A 58 1.75 2.35 -16.03
N TYR A 59 1.45 1.23 -16.70
CA TYR A 59 2.33 0.07 -16.71
C TYR A 59 2.13 -0.70 -18.03
N ASP A 60 2.89 -0.33 -19.04
CA ASP A 60 2.64 -0.82 -20.41
C ASP A 60 3.03 -2.29 -20.63
N PHE A 61 2.31 -2.98 -21.53
CA PHE A 61 2.74 -4.26 -22.07
C PHE A 61 3.95 -4.02 -22.98
N ARG A 62 4.73 -5.06 -23.25
CA ARG A 62 5.80 -4.96 -24.25
C ARG A 62 5.25 -4.98 -25.68
N LYS A 63 6.12 -4.75 -26.66
CA LYS A 63 5.72 -4.73 -28.06
C LYS A 63 5.06 -6.05 -28.47
N LYS A 64 4.04 -5.96 -29.34
CA LYS A 64 3.34 -7.15 -29.83
C LYS A 64 4.34 -8.19 -30.30
N GLY A 65 4.09 -9.46 -29.98
CA GLY A 65 5.00 -10.52 -30.38
C GLY A 65 5.96 -10.92 -29.28
N SER A 66 6.10 -10.07 -28.27
CA SER A 66 6.98 -10.35 -27.15
C SER A 66 6.53 -11.60 -26.34
N TYR A 67 7.51 -12.37 -25.86
CA TYR A 67 7.26 -13.53 -25.01
C TYR A 67 8.00 -13.42 -23.67
N PRO A 68 7.27 -13.25 -22.56
CA PRO A 68 5.80 -13.10 -22.50
C PRO A 68 5.38 -11.70 -22.91
N CYS A 69 4.07 -11.46 -23.02
CA CYS A 69 3.55 -10.17 -23.50
C CYS A 69 3.79 -9.05 -22.50
N TRP A 70 3.89 -9.41 -21.22
CA TRP A 70 4.04 -8.43 -20.16
CA TRP A 70 4.04 -8.41 -20.18
C TRP A 70 5.49 -8.10 -19.84
N ASP A 71 5.67 -6.95 -19.21
CA ASP A 71 6.95 -6.37 -18.86
C ASP A 71 7.34 -6.83 -17.45
N ALA A 72 8.60 -7.22 -17.29
CA ALA A 72 9.10 -7.76 -16.02
C ALA A 72 9.66 -6.67 -15.07
N ALA A 73 9.62 -5.41 -15.51
CA ALA A 73 10.21 -4.31 -14.74
C ALA A 73 9.70 -4.24 -13.32
N TYR A 74 8.46 -4.67 -13.09
CA TYR A 74 7.88 -4.59 -11.75
C TYR A 74 8.72 -5.33 -10.68
N LEU A 75 9.63 -6.19 -11.12
CA LEU A 75 10.45 -7.01 -10.20
C LEU A 75 11.94 -6.68 -10.25
N ASP A 76 12.31 -5.59 -10.94
CA ASP A 76 13.65 -4.98 -10.73
C ASP A 76 13.69 -4.51 -9.23
N PRO A 77 14.78 -4.77 -8.50
CA PRO A 77 14.86 -4.43 -7.05
C PRO A 77 14.55 -2.96 -6.74
N ASN A 78 14.88 -2.04 -7.65
CA ASN A 78 14.56 -0.62 -7.40
C ASN A 78 13.24 -0.13 -8.02
N TYR A 79 12.47 -1.02 -8.65
CA TYR A 79 11.26 -0.56 -9.31
C TYR A 79 10.35 0.15 -8.28
N PRO A 80 10.22 -0.40 -7.06
CA PRO A 80 9.31 0.23 -6.09
C PRO A 80 9.90 1.50 -5.44
N ARG A 81 11.17 1.79 -5.69
CA ARG A 81 11.88 2.91 -5.05
C ARG A 81 12.01 4.08 -6.02
N THR A 82 12.63 3.85 -7.18
CA THR A 82 12.73 4.90 -8.17
C THR A 82 12.18 4.55 -9.56
N GLY A 83 12.05 3.26 -9.88
CA GLY A 83 11.70 2.85 -11.24
C GLY A 83 10.34 3.32 -11.72
N TYR A 84 9.36 3.21 -10.84
CA TYR A 84 7.97 3.50 -11.21
C TYR A 84 7.81 4.96 -11.62
N LYS A 85 8.73 5.82 -11.19
CA LYS A 85 8.62 7.27 -11.39
C LYS A 85 8.75 7.70 -12.86
N SER A 86 9.35 6.84 -13.68
CA SER A 86 9.49 7.14 -15.09
C SER A 86 8.21 6.81 -15.92
N HIS A 87 7.24 6.15 -15.29
CA HIS A 87 5.99 5.83 -15.96
C HIS A 87 5.00 7.01 -15.93
N ARG A 88 3.98 6.96 -16.79
CA ARG A 88 3.00 8.04 -16.91
C ARG A 88 2.20 8.18 -15.62
N LEU A 89 2.24 9.38 -15.04
CA LEU A 89 1.45 9.66 -13.85
C LEU A 89 -0.01 9.85 -14.25
N LEU A 90 -0.91 9.06 -13.65
CA LEU A 90 -2.35 9.15 -13.91
C LEU A 90 -3.15 9.98 -12.90
N ALA A 91 -2.75 9.96 -11.64
CA ALA A 91 -3.51 10.59 -10.58
C ALA A 91 -2.76 10.63 -9.24
N LYS A 92 -3.07 11.65 -8.43
CA LYS A 92 -2.64 11.72 -7.03
C LYS A 92 -3.86 12.15 -6.26
N VAL A 93 -4.35 11.29 -5.38
CA VAL A 93 -5.56 11.63 -4.61
C VAL A 93 -5.38 11.47 -3.10
N ASP A 94 -6.28 12.09 -2.34
CA ASP A 94 -6.32 11.97 -0.86
C ASP A 94 -7.59 11.26 -0.42
N GLY A 95 -7.64 10.85 0.85
CA GLY A 95 -8.88 10.38 1.42
C GLY A 95 -9.20 8.93 1.15
N VAL A 96 -8.21 8.12 0.83
CA VAL A 96 -8.46 6.71 0.55
C VAL A 96 -8.67 5.93 1.86
N THR A 97 -9.92 5.48 2.07
CA THR A 97 -10.22 4.67 3.24
C THR A 97 -11.47 3.78 3.07
N GLY A 98 -11.83 3.08 4.12
CA GLY A 98 -12.91 2.11 4.02
C GLY A 98 -12.36 0.74 3.69
N ASN A 99 -13.10 -0.05 2.91
CA ASN A 99 -12.64 -1.36 2.46
C ASN A 99 -11.90 -1.17 1.13
N ILE A 100 -10.61 -1.48 1.10
CA ILE A 100 -9.76 -1.22 -0.06
C ILE A 100 -9.47 -2.50 -0.90
N ASN A 101 -10.14 -3.59 -0.56
CA ASN A 101 -9.92 -4.84 -1.28
C ASN A 101 -10.58 -4.74 -2.65
N PHE A 102 -10.01 -5.42 -3.65
CA PHE A 102 -10.68 -5.50 -4.96
C PHE A 102 -10.30 -6.77 -5.72
N TYR A 103 -11.20 -7.22 -6.60
CA TYR A 103 -10.87 -8.24 -7.58
C TYR A 103 -11.37 -7.80 -8.96
N TYR A 104 -10.43 -7.64 -9.87
CA TYR A 104 -10.74 -7.30 -11.26
C TYR A 104 -10.57 -8.53 -12.13
N HIS A 105 -11.67 -8.95 -12.75
CA HIS A 105 -11.66 -10.08 -13.68
C HIS A 105 -11.52 -9.65 -15.15
N ALA A 106 -10.42 -10.04 -15.77
CA ALA A 106 -10.17 -9.76 -17.19
C ALA A 106 -10.75 -10.86 -18.10
N THR A 107 -11.01 -10.54 -19.37
CA THR A 107 -11.49 -11.59 -20.28
C THR A 107 -10.34 -12.27 -21.04
N LYS A 108 -9.19 -11.63 -21.11
CA LYS A 108 -8.04 -12.32 -21.64
C LYS A 108 -6.73 -11.69 -21.21
N GLY A 109 -5.65 -12.43 -21.44
CA GLY A 109 -4.32 -11.95 -21.12
C GLY A 109 -3.70 -11.19 -22.28
N CYS A 110 -2.61 -10.50 -21.97
CA CYS A 110 -1.81 -9.83 -23.00
C CYS A 110 -2.52 -8.69 -23.69
N THR A 111 -3.54 -8.14 -23.04
CA THR A 111 -4.34 -7.10 -23.68
C THR A 111 -4.76 -6.08 -22.65
N PRO A 112 -4.54 -4.80 -22.93
CA PRO A 112 -5.03 -3.83 -21.94
C PRO A 112 -6.55 -3.71 -22.02
N GLN A 113 -7.18 -3.69 -20.85
CA GLN A 113 -8.63 -3.65 -20.71
C GLN A 113 -8.99 -2.67 -19.61
N LEU A 114 -10.07 -1.95 -19.83
CA LEU A 114 -10.49 -0.90 -18.93
C LEU A 114 -11.27 -1.45 -17.73
N GLY A 115 -11.19 -0.72 -16.64
CA GLY A 115 -11.90 -1.03 -15.42
C GLY A 115 -11.89 0.14 -14.46
N HIS A 116 -12.49 -0.08 -13.30
CA HIS A 116 -12.63 0.94 -12.26
C HIS A 116 -12.21 0.41 -10.90
N LEU A 117 -11.58 1.26 -10.10
CA LEU A 117 -11.31 0.94 -8.70
C LEU A 117 -12.56 1.10 -7.88
N PRO A 118 -12.66 0.38 -6.76
CA PRO A 118 -13.76 0.62 -5.82
C PRO A 118 -13.84 2.11 -5.40
N ALA A 119 -15.03 2.54 -5.02
CA ALA A 119 -15.27 3.93 -4.65
C ALA A 119 -14.38 4.43 -3.48
N SER A 120 -13.89 3.50 -2.68
CA SER A 120 -13.05 3.84 -1.54
C SER A 120 -11.73 4.51 -1.98
N TYR A 121 -11.36 4.31 -3.24
CA TYR A 121 -10.12 4.91 -3.77
C TYR A 121 -10.26 6.36 -4.25
N ASN A 122 -11.48 6.92 -4.27
CA ASN A 122 -11.70 8.33 -4.63
CA ASN A 122 -11.70 8.31 -4.66
C ASN A 122 -11.17 8.67 -6.03
N TYR A 123 -11.29 7.74 -6.96
CA TYR A 123 -10.86 7.97 -8.33
C TYR A 123 -11.91 7.36 -9.28
N PRO A 124 -12.78 8.20 -9.82
CA PRO A 124 -13.96 7.71 -10.56
C PRO A 124 -13.70 7.40 -12.04
N LYS A 125 -12.53 7.75 -12.57
CA LYS A 125 -12.23 7.57 -14.00
C LYS A 125 -11.83 6.13 -14.33
N PRO A 126 -12.14 5.67 -15.55
CA PRO A 126 -11.64 4.36 -15.97
C PRO A 126 -10.12 4.37 -16.15
N LEU A 127 -9.50 3.23 -15.88
CA LEU A 127 -8.09 3.03 -16.18
C LEU A 127 -7.87 1.61 -16.72
N THR A 128 -6.64 1.32 -17.16
CA THR A 128 -6.28 -0.01 -17.60
C THR A 128 -6.00 -0.93 -16.38
N MET A 129 -7.07 -1.50 -15.81
CA MET A 129 -7.00 -2.32 -14.59
CA MET A 129 -6.93 -2.28 -14.58
C MET A 129 -6.19 -3.62 -14.76
N THR A 130 -5.99 -4.01 -16.01
CA THR A 130 -5.14 -5.15 -16.37
C THR A 130 -3.65 -4.86 -16.16
N ASN A 131 -3.29 -3.58 -16.22
CA ASN A 131 -1.88 -3.20 -16.19
C ASN A 131 -1.63 -1.77 -15.64
N PHE A 132 -1.28 -1.69 -14.36
CA PHE A 132 -1.01 -0.44 -13.66
C PHE A 132 -0.19 -0.62 -12.38
N THR A 133 0.35 0.49 -11.88
CA THR A 133 1.11 0.56 -10.63
C THR A 133 0.42 1.53 -9.67
N MET A 134 0.37 1.18 -8.39
CA MET A 134 -0.32 2.04 -7.42
C MET A 134 0.42 2.10 -6.08
N LEU A 135 0.61 3.33 -5.57
CA LEU A 135 1.28 3.56 -4.29
C LEU A 135 0.30 4.18 -3.30
N LEU A 136 0.23 3.64 -2.07
CA LEU A 136 -0.57 4.25 -0.97
C LEU A 136 0.35 4.51 0.23
N TYR A 137 0.19 5.65 0.89
CA TYR A 137 0.95 5.93 2.11
C TYR A 137 0.19 6.79 3.12
N GLY A 138 0.57 6.67 4.38
CA GLY A 138 -0.06 7.42 5.46
C GLY A 138 0.24 6.74 6.79
N TYR A 139 -0.74 6.74 7.69
CA TYR A 139 -0.54 6.19 9.04
C TYR A 139 -1.68 5.24 9.47
N PHE A 140 -1.33 4.20 10.23
CA PHE A 140 -2.30 3.27 10.85
C PHE A 140 -2.43 3.56 12.36
N ARG A 141 -3.65 3.84 12.83
CA ARG A 141 -3.97 4.08 14.24
C ARG A 141 -4.72 2.86 14.83
N PRO A 142 -4.11 2.11 15.78
CA PRO A 142 -4.82 0.99 16.40
C PRO A 142 -5.89 1.41 17.41
N LYS A 143 -6.92 0.57 17.58
CA LYS A 143 -7.92 0.77 18.63
C LYS A 143 -7.57 -0.01 19.88
N VAL A 144 -6.67 -0.99 19.77
CA VAL A 144 -6.30 -1.76 20.95
C VAL A 144 -4.79 -1.91 21.08
N THR A 145 -4.33 -2.11 22.32
CA THR A 145 -2.90 -2.32 22.58
C THR A 145 -2.64 -3.84 22.64
N GLY A 146 -1.72 -4.31 21.80
CA GLY A 146 -1.43 -5.75 21.77
C GLY A 146 -0.99 -6.22 20.40
N PHE A 147 -0.85 -7.54 20.23
CA PHE A 147 -0.42 -8.11 18.95
C PHE A 147 -1.50 -8.03 17.89
N HIS A 148 -1.10 -7.51 16.73
CA HIS A 148 -1.90 -7.42 15.51
C HIS A 148 -1.29 -8.38 14.45
N THR A 149 -2.12 -9.14 13.75
CA THR A 149 -1.67 -9.90 12.55
C THR A 149 -2.42 -9.42 11.31
N PHE A 150 -1.67 -8.77 10.40
CA PHE A 150 -2.16 -8.38 9.09
C PHE A 150 -1.94 -9.52 8.10
N THR A 151 -2.97 -9.83 7.33
CA THR A 151 -2.86 -10.83 6.27
C THR A 151 -3.06 -10.13 4.91
N ILE A 152 -2.17 -10.42 3.95
CA ILE A 152 -2.26 -9.84 2.60
C ILE A 152 -2.21 -10.90 1.51
N SER A 153 -2.84 -10.59 0.37
CA SER A 153 -2.66 -11.38 -0.85
C SER A 153 -2.84 -10.44 -2.04
N ALA A 154 -2.29 -10.81 -3.19
CA ALA A 154 -2.36 -9.91 -4.37
C ALA A 154 -2.06 -10.63 -5.68
N ASP A 155 -2.63 -10.08 -6.76
CA ASP A 155 -2.35 -10.50 -8.15
C ASP A 155 -2.15 -9.14 -8.80
N ASP A 156 -0.92 -8.74 -9.14
CA ASP A 156 0.28 -9.58 -9.15
C ASP A 156 1.21 -9.41 -7.93
N LEU A 157 1.18 -8.23 -7.32
CA LEU A 157 2.19 -7.88 -6.33
C LEU A 157 1.67 -6.88 -5.31
N LEU A 158 2.00 -7.12 -4.03
CA LEU A 158 1.79 -6.17 -2.95
C LEU A 158 2.96 -6.20 -1.96
N PHE A 159 3.67 -5.07 -1.83
CA PHE A 159 4.79 -4.91 -0.89
C PHE A 159 4.41 -3.94 0.24
N VAL A 160 4.67 -4.32 1.49
CA VAL A 160 4.27 -3.51 2.63
C VAL A 160 5.46 -3.12 3.54
N ASN A 161 5.56 -1.82 3.84
CA ASN A 161 6.45 -1.32 4.90
C ASN A 161 5.59 -0.77 6.03
N PHE A 162 6.07 -0.85 7.27
CA PHE A 162 5.27 -0.54 8.47
C PHE A 162 6.18 -0.10 9.63
N GLY A 163 5.93 1.09 10.17
CA GLY A 163 6.72 1.60 11.27
C GLY A 163 7.53 2.82 10.92
N ALA A 164 7.80 3.69 11.91
CA ALA A 164 8.72 4.81 11.68
C ALA A 164 10.11 4.28 11.25
N GLY A 165 10.75 5.01 10.34
CA GLY A 165 11.98 4.53 9.73
C GLY A 165 11.75 3.47 8.65
N ASN A 166 11.10 2.35 9.00
CA ASN A 166 10.91 1.29 8.03
C ASN A 166 10.09 1.80 6.85
N ALA A 167 9.01 2.52 7.14
CA ALA A 167 8.18 3.10 6.09
C ALA A 167 8.65 4.52 5.77
N PHE A 168 8.54 5.43 6.72
CA PHE A 168 9.10 6.80 6.59
C PHE A 168 9.11 7.46 7.98
N ASP A 169 9.56 8.71 8.07
CA ASP A 169 9.81 9.33 9.39
C ASP A 169 8.63 10.17 9.86
N CYS A 170 8.45 10.21 11.18
CA CYS A 170 7.27 10.82 11.81
C CYS A 170 7.08 12.28 11.42
N CYS A 171 5.99 12.57 10.71
CA CYS A 171 5.70 13.94 10.19
C CYS A 171 6.84 14.54 9.37
N ARG A 172 7.63 13.68 8.73
CA ARG A 172 8.73 14.09 7.86
C ARG A 172 8.77 13.16 6.66
N ARG A 173 7.57 12.83 6.15
CA ARG A 173 7.40 11.95 4.99
C ARG A 173 8.08 12.49 3.72
N ASP A 174 7.80 13.73 3.37
CA ASP A 174 8.29 14.24 2.11
C ASP A 174 9.82 14.17 2.04
N SER A 175 10.47 14.28 3.19
CA SER A 175 11.92 14.19 3.26
C SER A 175 12.52 12.78 3.36
N SER A 176 11.73 11.77 3.72
CA SER A 176 12.24 10.40 3.88
C SER A 176 11.56 9.35 3.00
N ALA A 177 10.72 9.81 2.08
CA ALA A 177 9.80 8.94 1.33
C ALA A 177 10.46 7.84 0.47
N ASP A 178 11.64 8.13 -0.05
CA ASP A 178 12.34 7.19 -0.91
C ASP A 178 13.34 6.33 -0.14
N HIS A 179 13.35 6.40 1.19
CA HIS A 179 14.37 5.71 1.96
C HIS A 179 13.83 4.57 2.84
N PHE A 180 12.69 4.01 2.45
CA PHE A 180 12.10 2.89 3.19
C PHE A 180 13.04 1.66 3.27
N GLY A 181 12.80 0.76 4.23
CA GLY A 181 13.72 -0.36 4.45
C GLY A 181 13.20 -1.67 3.85
N ASN A 182 13.79 -2.80 4.27
CA ASN A 182 13.30 -4.11 3.84
C ASN A 182 11.83 -4.28 4.21
N TYR A 183 11.10 -5.04 3.39
CA TYR A 183 9.66 -5.15 3.53
C TYR A 183 9.27 -5.95 4.77
N GLN A 184 8.25 -5.46 5.47
CA GLN A 184 7.66 -6.16 6.61
C GLN A 184 6.83 -7.37 6.14
N ALA A 185 6.19 -7.24 4.98
CA ALA A 185 5.44 -8.36 4.39
C ALA A 185 5.34 -8.14 2.88
N TYR A 186 5.19 -9.25 2.13
CA TYR A 186 4.91 -9.10 0.71
C TYR A 186 4.28 -10.34 0.12
N ALA A 187 3.56 -10.13 -0.99
CA ALA A 187 2.82 -11.19 -1.66
C ALA A 187 3.06 -11.06 -3.15
N ILE A 188 3.37 -12.19 -3.79
CA ILE A 188 3.57 -12.22 -5.23
C ILE A 188 2.81 -13.39 -5.85
N TRP A 189 1.93 -13.07 -6.80
CA TRP A 189 1.16 -14.12 -7.46
C TRP A 189 2.11 -15.07 -8.20
N GLY A 190 1.97 -16.35 -7.92
CA GLY A 190 2.77 -17.38 -8.56
C GLY A 190 3.90 -17.86 -7.66
N SER A 191 4.02 -17.24 -6.48
CA SER A 191 5.14 -17.51 -5.58
C SER A 191 4.86 -18.59 -4.54
N LYS A 192 5.89 -18.94 -3.79
CA LYS A 192 5.73 -19.70 -2.56
C LYS A 192 5.18 -18.80 -1.45
N THR A 193 5.21 -17.49 -1.69
CA THR A 193 4.52 -16.53 -0.84
C THR A 193 3.45 -15.80 -1.64
N ALA A 194 2.44 -16.56 -2.11
CA ALA A 194 1.26 -15.98 -2.76
C ALA A 194 0.45 -15.08 -1.80
N LYS A 195 0.60 -15.39 -0.51
CA LYS A 195 -0.13 -14.74 0.57
C LYS A 195 0.92 -14.61 1.68
N ASP A 196 0.80 -13.63 2.57
CA ASP A 196 1.81 -13.46 3.62
C ASP A 196 1.17 -12.78 4.83
N GLU A 197 1.87 -12.79 5.95
CA GLU A 197 1.36 -12.22 7.19
C GLU A 197 2.40 -11.32 7.86
N LEU A 198 1.92 -10.34 8.61
CA LEU A 198 2.78 -9.53 9.49
C LEU A 198 2.19 -9.49 10.89
N THR A 199 2.95 -9.99 11.87
CA THR A 199 2.55 -9.87 13.27
C THR A 199 3.42 -8.85 14.03
N VAL A 200 2.76 -7.85 14.60
CA VAL A 200 3.44 -6.77 15.30
C VAL A 200 2.67 -6.36 16.57
N HIS A 201 3.40 -5.96 17.59
CA HIS A 201 2.79 -5.43 18.82
C HIS A 201 2.64 -3.92 18.68
N LEU A 202 1.42 -3.42 18.87
CA LEU A 202 1.09 -2.00 18.68
C LEU A 202 0.42 -1.41 19.91
N ASP A 203 0.47 -0.08 20.04
CA ASP A 203 -0.15 0.64 21.14
C ASP A 203 -1.33 1.49 20.63
N ALA A 204 -2.45 1.41 21.33
CA ALA A 204 -3.67 2.09 20.91
C ALA A 204 -3.43 3.61 20.80
N GLY A 205 -3.97 4.22 19.75
CA GLY A 205 -3.98 5.68 19.64
C GLY A 205 -2.67 6.30 19.17
N VAL A 206 -1.68 5.44 18.94
CA VAL A 206 -0.41 5.86 18.34
C VAL A 206 -0.53 5.76 16.80
N TYR A 207 0.18 6.61 16.08
CA TYR A 207 0.08 6.61 14.60
C TYR A 207 1.33 5.99 13.97
N TYR A 208 1.14 4.88 13.25
CA TYR A 208 2.26 4.14 12.63
C TYR A 208 2.37 4.35 11.12
N PRO A 209 3.53 4.86 10.66
CA PRO A 209 3.72 5.02 9.19
C PRO A 209 3.55 3.69 8.43
N ILE A 210 2.84 3.76 7.30
CA ILE A 210 2.60 2.59 6.47
C ILE A 210 2.69 2.97 4.99
N ARG A 211 3.28 2.06 4.20
CA ARG A 211 3.42 2.20 2.75
C ARG A 211 3.02 0.90 2.03
N LEU A 212 2.10 1.00 1.08
CA LEU A 212 1.62 -0.14 0.29
C LEU A 212 1.95 0.08 -1.19
N PHE A 213 2.64 -0.87 -1.81
CA PHE A 213 3.02 -0.79 -3.22
C PHE A 213 2.46 -1.96 -4.04
N TYR A 214 1.61 -1.63 -5.03
CA TYR A 214 0.82 -2.64 -5.77
C TYR A 214 1.06 -2.60 -7.27
N ASN A 215 1.09 -3.77 -7.90
CA ASN A 215 1.19 -3.86 -9.37
C ASN A 215 0.31 -4.94 -10.01
N ASN A 216 -0.31 -4.62 -11.15
CA ASN A 216 -0.87 -5.65 -12.02
C ASN A 216 -0.05 -5.61 -13.30
N ILE A 217 0.46 -6.76 -13.75
CA ILE A 217 1.20 -6.83 -15.02
C ILE A 217 0.40 -7.42 -16.18
N GLY A 218 -0.85 -7.82 -15.96
CA GLY A 218 -1.66 -8.36 -17.04
C GLY A 218 -2.80 -9.22 -16.52
N LYS A 219 -3.85 -9.36 -17.33
CA LYS A 219 -4.98 -10.22 -16.94
C LYS A 219 -5.62 -9.80 -15.61
N ASP A 220 -5.97 -10.75 -14.72
CA ASP A 220 -6.75 -10.38 -13.52
C ASP A 220 -5.92 -9.51 -12.53
N GLY A 221 -6.60 -8.71 -11.70
CA GLY A 221 -5.95 -7.95 -10.64
C GLY A 221 -6.66 -8.22 -9.33
N ALA A 222 -5.92 -8.29 -8.23
CA ALA A 222 -6.55 -8.49 -6.91
C ALA A 222 -5.66 -7.91 -5.80
N LEU A 223 -6.30 -7.36 -4.77
CA LEU A 223 -5.63 -6.91 -3.54
C LEU A 223 -6.51 -7.23 -2.33
N SER A 224 -5.94 -7.93 -1.35
CA SER A 224 -6.60 -8.14 -0.06
C SER A 224 -5.67 -7.74 1.11
N PHE A 225 -6.20 -6.88 1.98
CA PHE A 225 -5.48 -6.33 3.14
C PHE A 225 -6.47 -6.33 4.33
N THR A 226 -6.25 -7.18 5.33
CA THR A 226 -7.15 -7.30 6.50
C THR A 226 -6.34 -7.60 7.75
N PHE A 227 -6.94 -7.48 8.94
CA PHE A 227 -6.22 -7.88 10.17
C PHE A 227 -7.11 -8.39 11.31
N LYS A 228 -6.45 -9.11 12.22
CA LYS A 228 -7.03 -9.58 13.49
C LYS A 228 -6.14 -9.14 14.66
N THR A 229 -6.68 -9.15 15.89
CA THR A 229 -5.89 -8.85 17.09
C THR A 229 -6.12 -9.90 18.17
N GLU A 230 -5.35 -9.81 19.25
CA GLU A 230 -5.53 -10.76 20.34
C GLU A 230 -6.74 -10.45 21.27
N SER A 231 -7.46 -9.34 21.02
CA SER A 231 -8.57 -8.92 21.91
C SER A 231 -9.88 -9.64 21.70
N ASN A 232 -10.04 -10.24 20.51
CA ASN A 232 -11.31 -10.85 20.07
C ASN A 232 -11.08 -11.59 18.75
N GLU A 233 -12.12 -12.22 18.19
CA GLU A 233 -11.99 -12.99 16.95
C GLU A 233 -12.56 -12.28 15.69
N ASN A 234 -12.72 -10.96 15.74
CA ASN A 234 -13.24 -10.22 14.59
C ASN A 234 -12.13 -9.98 13.57
N THR A 235 -12.46 -10.05 12.29
CA THR A 235 -11.53 -9.68 11.23
C THR A 235 -11.92 -8.28 10.75
N VAL A 236 -10.95 -7.38 10.68
CA VAL A 236 -11.18 -6.03 10.14
C VAL A 236 -10.80 -5.93 8.66
N SER A 237 -11.80 -5.54 7.84
CA SER A 237 -11.63 -5.28 6.41
CA SER A 237 -11.58 -5.26 6.42
C SER A 237 -11.93 -3.81 6.04
N ASP A 238 -12.60 -3.08 6.93
CA ASP A 238 -12.96 -1.67 6.74
C ASP A 238 -12.06 -0.78 7.62
N PHE A 239 -11.24 0.04 6.98
CA PHE A 239 -10.23 0.85 7.67
C PHE A 239 -10.68 2.29 7.94
N SER A 240 -11.98 2.52 7.94
CA SER A 240 -12.50 3.87 8.16
C SER A 240 -11.99 4.51 9.47
N GLU A 241 -11.82 3.70 10.51
CA GLU A 241 -11.39 4.21 11.83
C GLU A 241 -9.88 4.09 12.10
N TYR A 242 -9.14 3.67 11.08
CA TYR A 242 -7.78 3.18 11.21
C TYR A 242 -6.74 3.89 10.33
N PHE A 243 -7.10 4.31 9.11
CA PHE A 243 -6.15 4.95 8.19
C PHE A 243 -6.25 6.48 8.27
N PHE A 244 -5.10 7.17 8.39
CA PHE A 244 -5.08 8.65 8.51
C PHE A 244 -3.89 9.30 7.78
N SER A 245 -4.01 10.59 7.47
CA SER A 245 -2.89 11.37 6.92
C SER A 245 -2.52 12.49 7.93
N LEU A 246 -1.22 12.72 8.11
CA LEU A 246 -0.73 13.80 8.98
C LEU A 246 0.17 14.75 8.18
N ASP A 247 -0.02 16.06 8.36
CA ASP A 247 0.86 17.07 7.73
C ASP A 247 2.30 16.95 8.25
N ASP A 248 3.29 17.15 7.38
CA ASP A 248 4.67 17.19 7.83
C ASP A 248 4.84 18.49 8.61
N THR A 249 5.77 18.50 9.55
CA THR A 249 6.03 19.68 10.36
C THR A 249 7.52 19.94 10.43
N GLU A 250 7.84 21.14 10.88
CA GLU A 250 9.18 21.66 10.90
C GLU A 250 10.08 20.74 11.73
N GLU A 251 9.60 20.34 12.88
CA GLU A 251 10.39 19.55 13.82
C GLU A 251 10.05 18.04 13.84
N GLY A 252 9.05 17.61 13.09
CA GLY A 252 8.64 16.20 13.12
C GLY A 252 7.84 15.83 14.37
N CYS A 253 7.25 14.63 14.43
CA CYS A 253 6.38 14.23 15.55
C CYS A 253 6.72 12.82 16.09
N PRO A 254 7.95 12.64 16.56
CA PRO A 254 8.36 11.31 17.07
C PRO A 254 7.46 10.79 18.21
N GLY A 255 7.26 9.48 18.27
CA GLY A 255 6.48 8.86 19.33
C GLY A 255 6.99 9.25 20.71
N LEU A 256 6.06 9.57 21.61
CA LEU A 256 6.35 10.12 22.93
C LEU A 256 6.04 9.12 24.02
N ILE A 257 5.46 7.97 23.68
CA ILE A 257 5.08 7.03 24.72
C ILE A 257 6.23 6.05 25.06
N SER A 258 7.18 5.92 24.29
CA CA B . -2.51 -10.08 -13.05
C1 GOL C . -1.42 -13.22 -13.27
O1 GOL C . -0.88 -11.98 -13.71
C2 GOL C . -2.85 -13.39 -13.78
O2 GOL C . -3.65 -12.31 -13.33
C3 GOL C . -3.50 -14.72 -13.40
O3 GOL C . -4.73 -14.87 -14.13
H11 GOL C . -3.71 -14.75 -12.34
H12 GOL C . -2.83 -15.54 -13.65
HO1 GOL C . -5.11 -15.75 -13.94
H2 GOL C . -2.81 -13.34 -14.87
H31 GOL C . -1.41 -13.26 -12.18
H32 GOL C . -0.80 -14.05 -13.64
C1 GOL D . -10.10 -6.45 15.91
O1 GOL D . -9.66 -7.16 17.06
C2 GOL D . -10.76 -5.14 16.32
O2 GOL D . -11.89 -5.38 17.11
C3 GOL D . -9.82 -4.23 17.09
O3 GOL D . -8.98 -3.49 16.25
H11 GOL D . -9.20 -4.85 17.76
H12 GOL D . -10.41 -3.55 17.71
HO1 GOL D . -8.44 -2.88 16.79
H2 GOL D . -11.06 -4.62 15.41
HO2 GOL D . -12.53 -5.94 16.60
H31 GOL D . -10.80 -7.06 15.35
H32 GOL D . -9.24 -6.24 15.26
HO3 GOL D . -10.40 -7.71 17.41
C1 GOL E . -3.98 -13.85 15.24
O1 GOL E . -5.08 -14.11 14.38
C2 GOL E . -4.13 -12.48 15.89
O2 GOL E . -5.43 -12.38 16.42
C3 GOL E . -3.11 -12.29 17.01
O3 GOL E . -2.07 -11.45 16.57
H11 GOL E . -2.71 -13.27 17.29
H12 GOL E . -3.61 -11.86 17.88
HO1 GOL E . -1.45 -11.29 17.32
H2 GOL E . -3.98 -11.71 15.14
HO2 GOL E . -6.09 -12.49 15.71
H31 GOL E . -3.05 -13.88 14.66
H32 GOL E . -3.93 -14.62 16.00
HO3 GOL E . -4.84 -14.82 13.75
C1 GOL F . -13.68 -3.99 -10.59
O1 GOL F . -14.75 -3.09 -10.42
C2 GOL F . -13.01 -4.14 -9.24
O2 GOL F . -12.04 -3.14 -9.05
C3 GOL F . -14.05 -4.03 -8.13
O3 GOL F . -13.80 -5.01 -7.13
H11 GOL F . -15.05 -4.18 -8.55
H12 GOL F . -14.02 -3.04 -7.68
HO1 GOL F . -14.43 -4.89 -6.40
H2 GOL F . -12.54 -5.12 -9.19
HO2 GOL F . -11.37 -3.19 -9.75
H31 GOL F . -12.97 -3.60 -11.32
H32 GOL F . -14.05 -4.95 -10.95
HO3 GOL F . -14.50 -2.21 -10.74
#